data_8JJ9
#
_entry.id   8JJ9
#
_cell.length_a   88.212
_cell.length_b   93.558
_cell.length_c   111.514
_cell.angle_alpha   90.00
_cell.angle_beta   90.00
_cell.angle_gamma   90.00
#
_symmetry.space_group_name_H-M   'P 21 21 21'
#
loop_
_entity.id
_entity.type
_entity.pdbx_description
1 polymer 'Protein FAM91A1'
2 polymer 'TBC1 domain family member 23'
3 water water
#
loop_
_entity_poly.entity_id
_entity_poly.type
_entity_poly.pdbx_seq_one_letter_code
_entity_poly.pdbx_strand_id
1 'polypeptide(L)'
;MNIDVEFHIRHNYPWNKLPANVRQSLGNSQREYEKQVVLYSIRNQLRYRNNLVKHVKKDERRYYEELLKYSRDHLMLYPY
HLSDIMVKGLRITPFSYYTGIMEDIMNSEKSYDSLPNFTAADCLRLLGIGRNQYIDLMNQCRSSKKFFRRKTARDLLPIK
PVEIAIEAWWVVQAGYITEDDIKICTLPEKCAVDKIIDSGPQLSGSLDYNVVHSLYNKGFIYLDVPISDDSCIAVPPLEG
FVMNRVQGDYFETLLYKIFVSIDEHTNVAELANVLEIDLSLVKNAVSMYCRLGFAHKKGQVINLDQLHSSWK
;
A,B
2 'polypeptide(L)' RHVSSSDRVGKPYRGVKPVFS C,D
#
# COMPACT_ATOMS: atom_id res chain seq x y z
N MET A 1 -26.57 -1.84 -5.96
CA MET A 1 -25.85 -1.04 -6.95
C MET A 1 -26.64 -0.98 -8.26
N ASN A 2 -26.47 0.10 -9.05
CA ASN A 2 -27.11 0.13 -10.37
C ASN A 2 -26.61 -1.03 -11.20
N ILE A 3 -27.56 -1.83 -11.71
CA ILE A 3 -27.21 -2.94 -12.59
C ILE A 3 -26.40 -2.44 -13.77
N ASP A 4 -26.67 -1.21 -14.22
CA ASP A 4 -25.96 -0.65 -15.36
C ASP A 4 -24.54 -0.25 -15.02
N VAL A 5 -24.35 0.43 -13.88
CA VAL A 5 -23.01 0.74 -13.40
C VAL A 5 -22.20 -0.52 -13.27
N GLU A 6 -22.85 -1.59 -12.83
CA GLU A 6 -22.14 -2.86 -12.65
C GLU A 6 -21.78 -3.46 -13.99
N PHE A 7 -22.75 -3.49 -14.91
CA PHE A 7 -22.49 -3.90 -16.28
C PHE A 7 -21.19 -3.27 -16.76
N HIS A 8 -21.07 -1.96 -16.57
CA HIS A 8 -19.91 -1.27 -17.10
C HIS A 8 -18.64 -1.64 -16.37
N ILE A 9 -18.73 -1.87 -15.04
CA ILE A 9 -17.52 -2.27 -14.32
C ILE A 9 -17.10 -3.66 -14.76
N ARG A 10 -18.06 -4.57 -14.88
CA ARG A 10 -17.77 -5.94 -15.27
C ARG A 10 -17.02 -6.00 -16.59
N HIS A 11 -17.53 -5.32 -17.60
CA HIS A 11 -16.90 -5.27 -18.90
C HIS A 11 -15.73 -4.28 -18.96
N ASN A 12 -15.28 -3.80 -17.79
CA ASN A 12 -14.00 -3.11 -17.64
C ASN A 12 -13.93 -1.78 -18.37
N TYR A 13 -15.06 -1.10 -18.54
CA TYR A 13 -15.06 0.28 -19.06
C TYR A 13 -14.23 1.21 -18.17
N PRO A 14 -13.22 1.89 -18.70
CA PRO A 14 -12.71 3.06 -17.99
C PRO A 14 -13.78 4.14 -17.92
N TRP A 15 -13.49 5.16 -17.11
CA TRP A 15 -14.45 6.23 -16.86
C TRP A 15 -14.82 6.95 -18.16
N ASN A 16 -13.81 7.31 -18.96
CA ASN A 16 -14.08 8.13 -20.13
C ASN A 16 -15.00 7.43 -21.13
N LYS A 17 -14.91 6.11 -21.23
CA LYS A 17 -15.82 5.35 -22.08
C LYS A 17 -17.20 5.16 -21.45
N LEU A 18 -17.55 5.94 -20.44
CA LEU A 18 -18.80 5.62 -19.80
C LEU A 18 -19.91 6.53 -20.28
N PRO A 19 -21.07 5.96 -20.64
CA PRO A 19 -22.23 6.79 -20.98
C PRO A 19 -22.46 7.85 -19.92
N ALA A 20 -22.79 9.07 -20.37
CA ALA A 20 -23.02 10.16 -19.43
C ALA A 20 -24.26 9.93 -18.57
N ASN A 21 -25.15 9.00 -18.96
CA ASN A 21 -26.28 8.65 -18.11
C ASN A 21 -25.88 7.69 -16.99
N VAL A 22 -24.88 6.84 -17.25
CA VAL A 22 -24.26 6.04 -16.20
C VAL A 22 -23.30 6.89 -15.40
N ARG A 23 -22.57 7.78 -16.08
CA ARG A 23 -21.83 8.84 -15.40
C ARG A 23 -22.75 9.67 -14.52
N GLN A 24 -24.03 9.78 -14.91
CA GLN A 24 -25.02 10.50 -14.13
C GLN A 24 -25.38 9.77 -12.84
N SER A 25 -25.46 8.44 -12.90
CA SER A 25 -25.73 7.61 -11.72
C SER A 25 -24.59 7.67 -10.71
N LEU A 26 -23.43 8.17 -11.09
CA LEU A 26 -22.30 8.31 -10.18
C LEU A 26 -22.06 9.75 -9.79
N GLY A 27 -23.11 10.58 -9.82
CA GLY A 27 -22.95 12.00 -9.54
C GLY A 27 -21.86 12.65 -10.38
N ASN A 28 -21.65 12.14 -11.58
CA ASN A 28 -20.64 12.64 -12.50
C ASN A 28 -19.26 12.70 -11.86
N SER A 29 -19.08 11.98 -10.74
CA SER A 29 -17.79 11.86 -10.08
C SER A 29 -17.06 10.64 -10.60
N GLN A 30 -15.83 10.82 -11.08
CA GLN A 30 -14.98 9.69 -11.38
C GLN A 30 -14.57 8.93 -10.13
N ARG A 31 -14.21 9.66 -9.07
CA ARG A 31 -13.79 9.01 -7.84
C ARG A 31 -14.88 8.13 -7.25
N GLU A 32 -16.14 8.43 -7.55
CA GLU A 32 -17.21 7.56 -7.08
C GLU A 32 -17.26 6.29 -7.91
N TYR A 33 -16.98 6.39 -9.22
CA TYR A 33 -16.79 5.21 -10.05
C TYR A 33 -15.68 4.34 -9.48
N GLU A 34 -14.53 4.95 -9.20
CA GLU A 34 -13.41 4.20 -8.65
C GLU A 34 -13.81 3.50 -7.36
N LYS A 35 -14.52 4.21 -6.48
CA LYS A 35 -15.03 3.59 -5.27
C LYS A 35 -15.88 2.36 -5.57
N GLN A 36 -16.78 2.50 -6.53
CA GLN A 36 -17.61 1.36 -6.89
C GLN A 36 -16.86 0.35 -7.73
N VAL A 37 -15.71 0.72 -8.28
CA VAL A 37 -14.91 -0.28 -8.98
C VAL A 37 -14.28 -1.22 -7.96
N VAL A 38 -13.63 -0.66 -6.95
CA VAL A 38 -13.07 -1.49 -5.90
C VAL A 38 -14.16 -2.33 -5.25
N LEU A 39 -15.28 -1.70 -4.89
CA LEU A 39 -16.40 -2.37 -4.27
C LEU A 39 -16.86 -3.58 -5.07
N TYR A 40 -17.21 -3.35 -6.33
CA TYR A 40 -17.73 -4.44 -7.17
C TYR A 40 -16.69 -5.53 -7.34
N SER A 41 -15.41 -5.16 -7.46
CA SER A 41 -14.35 -6.14 -7.61
C SER A 41 -14.20 -6.98 -6.37
N ILE A 42 -14.20 -6.33 -5.23
CA ILE A 42 -14.05 -7.06 -3.99
C ILE A 42 -15.22 -8.00 -3.81
N ARG A 43 -16.42 -7.50 -4.06
CA ARG A 43 -17.64 -8.28 -3.89
C ARG A 43 -17.67 -9.48 -4.84
N ASN A 44 -17.14 -9.32 -6.05
CA ASN A 44 -17.16 -10.38 -7.04
C ASN A 44 -15.81 -11.09 -7.13
N GLN A 45 -14.95 -10.90 -6.14
CA GLN A 45 -13.69 -11.62 -6.04
C GLN A 45 -12.98 -11.65 -7.38
N LEU A 46 -12.90 -10.46 -8.01
CA LEU A 46 -12.27 -10.34 -9.31
C LEU A 46 -10.76 -10.42 -9.19
N ARG A 47 -10.15 -11.12 -10.14
CA ARG A 47 -8.70 -11.11 -10.23
C ARG A 47 -8.20 -9.71 -10.53
N TYR A 48 -7.24 -9.28 -9.74
CA TYR A 48 -6.73 -7.92 -9.85
C TYR A 48 -6.23 -7.60 -11.27
N ARG A 49 -5.35 -8.44 -11.82
CA ARG A 49 -4.61 -8.02 -13.02
C ARG A 49 -5.43 -8.08 -14.30
N ASN A 50 -6.53 -8.80 -14.32
CA ASN A 50 -7.38 -8.86 -15.49
C ASN A 50 -8.51 -7.84 -15.47
N ASN A 51 -8.40 -6.76 -14.68
CA ASN A 51 -9.63 -6.03 -14.37
C ASN A 51 -9.39 -4.57 -14.06
N LEU A 52 -10.45 -3.79 -14.29
CA LEU A 52 -10.43 -2.34 -14.10
C LEU A 52 -9.79 -1.92 -12.78
N VAL A 53 -9.93 -2.74 -11.72
CA VAL A 53 -9.49 -2.39 -10.38
C VAL A 53 -7.99 -2.17 -10.32
N LYS A 54 -7.22 -2.82 -11.20
CA LYS A 54 -5.77 -2.62 -11.18
C LYS A 54 -5.38 -1.15 -11.45
N HIS A 55 -6.28 -0.38 -12.04
CA HIS A 55 -6.03 1.02 -12.37
C HIS A 55 -6.39 1.97 -11.24
N VAL A 56 -7.40 1.61 -10.45
CA VAL A 56 -7.78 2.40 -9.28
C VAL A 56 -6.85 2.10 -8.11
N LYS A 57 -6.90 0.87 -7.61
CA LYS A 57 -6.19 0.48 -6.41
C LYS A 57 -4.75 0.11 -6.80
N LYS A 58 -3.77 0.64 -6.07
CA LYS A 58 -2.40 0.55 -6.59
C LYS A 58 -1.64 -0.64 -6.05
N ASP A 59 -1.90 -1.04 -4.82
CA ASP A 59 -1.23 -2.18 -4.21
C ASP A 59 -2.05 -3.46 -4.47
N GLU A 60 -1.49 -4.38 -5.26
CA GLU A 60 -2.17 -5.64 -5.56
C GLU A 60 -2.42 -6.45 -4.29
N ARG A 61 -1.35 -6.67 -3.51
CA ARG A 61 -1.48 -7.47 -2.31
C ARG A 61 -2.52 -6.91 -1.34
N ARG A 62 -2.63 -5.58 -1.28
CA ARG A 62 -3.66 -4.99 -0.43
C ARG A 62 -5.03 -5.19 -1.02
N TYR A 63 -5.13 -5.18 -2.35
CA TYR A 63 -6.41 -5.50 -2.96
C TYR A 63 -6.84 -6.90 -2.58
N TYR A 64 -5.89 -7.84 -2.53
CA TYR A 64 -6.29 -9.20 -2.22
C TYR A 64 -6.62 -9.36 -0.74
N GLU A 65 -5.88 -8.70 0.14
CA GLU A 65 -6.24 -8.73 1.55
C GLU A 65 -7.63 -8.15 1.78
N GLU A 66 -7.90 -7.01 1.16
CA GLU A 66 -9.24 -6.45 1.32
C GLU A 66 -10.28 -7.37 0.72
N LEU A 67 -9.93 -8.02 -0.39
CA LEU A 67 -10.80 -8.99 -1.01
C LEU A 67 -11.12 -10.11 -0.02
N LEU A 68 -10.08 -10.69 0.60
CA LEU A 68 -10.31 -11.82 1.48
C LEU A 68 -11.06 -11.39 2.70
N LYS A 69 -10.72 -10.22 3.25
CA LYS A 69 -11.45 -9.72 4.41
C LYS A 69 -12.93 -9.62 4.12
N TYR A 70 -13.28 -9.01 2.98
CA TYR A 70 -14.69 -8.85 2.66
C TYR A 70 -15.36 -10.18 2.53
N SER A 71 -14.68 -11.08 1.83
CA SER A 71 -15.19 -12.41 1.60
C SER A 71 -15.48 -13.11 2.93
N ARG A 72 -14.53 -13.05 3.85
CA ARG A 72 -14.72 -13.63 5.17
C ARG A 72 -15.87 -12.95 5.93
N ASP A 73 -15.86 -11.62 5.99
CA ASP A 73 -16.91 -10.88 6.69
C ASP A 73 -18.29 -11.21 6.19
N HIS A 74 -18.47 -11.36 4.88
CA HIS A 74 -19.78 -11.69 4.35
C HIS A 74 -19.96 -13.17 4.21
N LEU A 75 -19.13 -13.96 4.89
CA LEU A 75 -19.29 -15.41 4.96
C LEU A 75 -19.31 -16.02 3.56
N MET A 76 -18.61 -15.39 2.63
CA MET A 76 -18.58 -16.00 1.33
C MET A 76 -17.66 -17.21 1.27
N LEU A 77 -17.89 -17.99 0.24
CA LEU A 77 -17.02 -19.07 -0.18
C LEU A 77 -15.60 -18.59 -0.41
N TYR A 78 -14.65 -19.47 -0.13
CA TYR A 78 -13.27 -19.19 -0.50
C TYR A 78 -13.14 -18.93 -2.00
N PRO A 79 -12.40 -17.90 -2.42
CA PRO A 79 -12.22 -17.66 -3.86
C PRO A 79 -11.26 -18.64 -4.49
N TYR A 80 -11.76 -19.86 -4.74
CA TYR A 80 -10.90 -20.90 -5.30
C TYR A 80 -10.31 -20.49 -6.63
N HIS A 81 -10.95 -19.58 -7.35
CA HIS A 81 -10.37 -19.13 -8.60
C HIS A 81 -9.20 -18.21 -8.38
N LEU A 82 -8.96 -17.80 -7.14
CA LEU A 82 -7.76 -17.02 -6.81
C LEU A 82 -6.81 -17.77 -5.91
N SER A 83 -6.87 -19.09 -5.92
CA SER A 83 -6.10 -19.88 -4.95
C SER A 83 -4.61 -19.61 -5.10
N ASP A 84 -4.15 -19.37 -6.33
CA ASP A 84 -2.75 -19.05 -6.54
C ASP A 84 -2.38 -17.79 -5.78
N ILE A 85 -3.24 -16.78 -5.82
CA ILE A 85 -2.93 -15.55 -5.09
C ILE A 85 -3.11 -15.77 -3.60
N MET A 86 -4.19 -16.42 -3.19
CA MET A 86 -4.49 -16.50 -1.78
C MET A 86 -3.47 -17.35 -1.06
N VAL A 87 -3.19 -18.54 -1.61
CA VAL A 87 -2.25 -19.45 -0.99
C VAL A 87 -0.82 -19.00 -1.23
N LYS A 88 -0.42 -18.86 -2.49
CA LYS A 88 0.98 -18.52 -2.75
C LYS A 88 1.28 -17.12 -2.27
N GLY A 89 0.31 -16.23 -2.31
CA GLY A 89 0.59 -14.84 -2.04
C GLY A 89 0.28 -14.36 -0.64
N LEU A 90 -0.96 -14.56 -0.19
CA LEU A 90 -1.31 -14.21 1.19
C LEU A 90 -1.09 -15.35 2.17
N ARG A 91 -0.72 -16.54 1.69
CA ARG A 91 -0.46 -17.67 2.57
C ARG A 91 -1.72 -18.05 3.36
N ILE A 92 -2.86 -18.09 2.67
CA ILE A 92 -4.15 -18.37 3.30
C ILE A 92 -4.84 -19.42 2.45
N THR A 93 -4.97 -20.62 2.99
CA THR A 93 -5.56 -21.74 2.28
C THR A 93 -7.07 -21.78 2.48
N PRO A 94 -7.78 -22.59 1.69
CA PRO A 94 -9.20 -22.82 2.03
C PRO A 94 -9.37 -23.05 3.52
N PHE A 95 -8.54 -23.94 4.07
CA PHE A 95 -8.69 -24.30 5.47
C PHE A 95 -8.53 -23.08 6.35
N SER A 96 -7.44 -22.34 6.16
CA SER A 96 -7.20 -21.11 6.92
C SER A 96 -8.39 -20.19 6.81
N TYR A 97 -8.84 -19.94 5.58
CA TYR A 97 -9.94 -19.03 5.35
C TYR A 97 -11.16 -19.42 6.17
N TYR A 98 -11.61 -20.67 6.05
CA TYR A 98 -12.81 -21.10 6.76
C TYR A 98 -12.61 -21.12 8.27
N THR A 99 -11.40 -21.43 8.72
CA THR A 99 -11.10 -21.28 10.13
C THR A 99 -11.44 -19.89 10.62
N GLY A 100 -11.08 -18.86 9.84
CA GLY A 100 -11.43 -17.49 10.21
C GLY A 100 -12.92 -17.24 10.24
N ILE A 101 -13.66 -17.82 9.29
CA ILE A 101 -15.11 -17.64 9.32
C ILE A 101 -15.69 -18.31 10.55
N MET A 102 -15.27 -19.56 10.81
CA MET A 102 -15.71 -20.29 12.00
C MET A 102 -15.41 -19.51 13.26
N GLU A 103 -14.16 -19.04 13.39
CA GLU A 103 -13.84 -18.24 14.56
C GLU A 103 -14.77 -17.05 14.68
N ASP A 104 -15.11 -16.42 13.56
CA ASP A 104 -15.94 -15.23 13.64
C ASP A 104 -17.33 -15.57 14.13
N ILE A 105 -17.94 -16.62 13.61
CA ILE A 105 -19.31 -16.83 14.03
C ILE A 105 -19.38 -17.50 15.39
N MET A 106 -18.36 -18.27 15.76
CA MET A 106 -18.34 -18.81 17.12
C MET A 106 -18.09 -17.69 18.12
N ASN A 107 -16.94 -17.05 18.04
CA ASN A 107 -16.59 -16.02 19.01
C ASN A 107 -17.62 -14.92 19.09
N SER A 108 -18.54 -14.83 18.15
CA SER A 108 -19.58 -13.82 18.24
C SER A 108 -20.96 -14.46 18.37
N GLU A 109 -20.98 -15.74 18.75
CA GLU A 109 -22.20 -16.45 19.12
C GLU A 109 -23.29 -16.29 18.07
N LYS A 110 -22.93 -16.46 16.81
CA LYS A 110 -23.94 -16.51 15.76
C LYS A 110 -24.33 -17.95 15.47
N SER A 111 -25.46 -18.11 14.79
CA SER A 111 -25.95 -19.44 14.50
C SER A 111 -25.27 -20.01 13.26
N TYR A 112 -24.96 -21.31 13.31
CA TYR A 112 -24.53 -22.01 12.09
C TYR A 112 -25.50 -21.79 10.95
N ASP A 113 -26.74 -21.46 11.26
CA ASP A 113 -27.73 -21.19 10.22
C ASP A 113 -27.53 -19.82 9.60
N SER A 114 -26.65 -18.98 10.15
CA SER A 114 -26.33 -17.76 9.45
C SER A 114 -25.34 -17.98 8.32
N LEU A 115 -24.70 -19.17 8.26
CA LEU A 115 -23.74 -19.47 7.19
C LEU A 115 -24.48 -19.77 5.91
N PRO A 116 -24.13 -19.16 4.80
CA PRO A 116 -24.73 -19.56 3.52
C PRO A 116 -24.50 -21.04 3.28
N ASN A 117 -25.22 -21.63 2.31
CA ASN A 117 -25.21 -23.08 2.16
C ASN A 117 -23.86 -23.60 1.70
N PHE A 118 -23.35 -23.09 0.59
CA PHE A 118 -22.06 -23.59 0.11
C PHE A 118 -20.97 -23.31 1.12
N THR A 119 -21.02 -22.15 1.78
CA THR A 119 -20.04 -21.86 2.81
C THR A 119 -20.05 -22.95 3.88
N ALA A 120 -21.24 -23.31 4.34
CA ALA A 120 -21.32 -24.33 5.38
C ALA A 120 -20.88 -25.68 4.86
N ALA A 121 -21.24 -26.00 3.60
CA ALA A 121 -20.75 -27.23 2.98
C ALA A 121 -19.24 -27.27 3.00
N ASP A 122 -18.59 -26.14 2.69
CA ASP A 122 -17.13 -26.10 2.64
C ASP A 122 -16.53 -26.15 4.03
N CYS A 123 -17.21 -25.57 5.03
CA CYS A 123 -16.75 -25.74 6.40
C CYS A 123 -16.82 -27.21 6.82
N LEU A 124 -17.88 -27.92 6.43
CA LEU A 124 -17.97 -29.32 6.76
C LEU A 124 -16.88 -30.08 6.05
N ARG A 125 -16.70 -29.78 4.79
CA ARG A 125 -15.75 -30.54 4.01
C ARG A 125 -14.31 -30.30 4.48
N LEU A 126 -13.96 -29.10 4.95
CA LEU A 126 -12.59 -28.77 5.31
C LEU A 126 -12.31 -28.83 6.81
N LEU A 127 -13.27 -28.44 7.65
CA LEU A 127 -13.10 -28.45 9.09
C LEU A 127 -13.73 -29.66 9.75
N GLY A 128 -14.48 -30.46 8.99
CA GLY A 128 -15.37 -31.43 9.59
C GLY A 128 -16.47 -30.84 10.46
N ILE A 129 -16.89 -29.61 10.22
CA ILE A 129 -17.83 -28.94 11.11
C ILE A 129 -19.14 -28.75 10.35
N GLY A 130 -20.11 -29.63 10.62
CA GLY A 130 -21.48 -29.39 10.23
C GLY A 130 -22.24 -28.75 11.38
N ARG A 131 -23.53 -28.55 11.16
CA ARG A 131 -24.38 -27.89 12.15
C ARG A 131 -24.29 -28.58 13.51
N ASN A 132 -24.24 -29.91 13.52
CA ASN A 132 -24.21 -30.61 14.79
C ASN A 132 -22.88 -30.41 15.49
N GLN A 133 -21.79 -30.75 14.81
CA GLN A 133 -20.46 -30.47 15.35
C GLN A 133 -20.34 -29.03 15.82
N TYR A 134 -20.98 -28.11 15.11
CA TYR A 134 -20.93 -26.71 15.53
C TYR A 134 -21.74 -26.50 16.80
N ILE A 135 -22.92 -27.12 16.92
CA ILE A 135 -23.66 -27.05 18.17
C ILE A 135 -22.81 -27.55 19.31
N ASP A 136 -22.11 -28.66 19.09
CA ASP A 136 -21.28 -29.27 20.14
C ASP A 136 -20.14 -28.34 20.55
N LEU A 137 -19.38 -27.86 19.57
CA LEU A 137 -18.30 -26.92 19.85
C LEU A 137 -18.82 -25.68 20.55
N MET A 138 -19.95 -25.15 20.09
CA MET A 138 -20.49 -23.94 20.71
C MET A 138 -20.80 -24.18 22.18
N ASN A 139 -21.27 -25.37 22.50
CA ASN A 139 -21.65 -25.64 23.89
C ASN A 139 -20.41 -25.75 24.74
N GLN A 140 -19.45 -26.57 24.29
CA GLN A 140 -18.12 -26.56 24.88
C GLN A 140 -17.62 -25.15 25.12
N CYS A 141 -17.78 -24.26 24.13
CA CYS A 141 -17.37 -22.88 24.34
C CYS A 141 -18.09 -22.28 25.54
N ARG A 142 -19.42 -22.34 25.56
CA ARG A 142 -20.17 -21.74 26.67
C ARG A 142 -19.94 -22.48 27.97
N SER A 143 -19.83 -23.80 27.92
CA SER A 143 -19.54 -24.57 29.12
C SER A 143 -18.23 -24.13 29.77
N SER A 144 -17.18 -23.94 28.96
CA SER A 144 -15.88 -23.61 29.53
C SER A 144 -15.82 -22.19 30.08
N LYS A 145 -16.80 -21.34 29.76
CA LYS A 145 -16.93 -20.04 30.41
C LYS A 145 -17.17 -20.18 31.91
N LYS A 146 -17.47 -21.37 32.39
CA LYS A 146 -17.60 -21.59 33.82
C LYS A 146 -16.30 -22.03 34.46
N PHE A 147 -15.40 -22.67 33.71
CA PHE A 147 -14.15 -23.18 34.23
C PHE A 147 -13.06 -22.13 34.19
N PHE A 148 -12.04 -22.32 35.02
CA PHE A 148 -10.99 -21.32 35.16
C PHE A 148 -10.36 -20.98 33.81
N ARG A 149 -10.14 -21.97 32.97
CA ARG A 149 -9.55 -21.74 31.65
C ARG A 149 -10.71 -21.66 30.65
N ARG A 150 -11.15 -20.44 30.35
CA ARG A 150 -12.11 -20.23 29.28
C ARG A 150 -11.53 -20.70 27.95
N LYS A 151 -12.41 -21.10 27.05
CA LYS A 151 -12.01 -21.41 25.70
C LYS A 151 -12.74 -20.47 24.76
N THR A 152 -12.08 -20.11 23.67
CA THR A 152 -12.75 -19.51 22.51
C THR A 152 -12.52 -20.44 21.32
N ALA A 153 -13.13 -20.04 20.19
CA ALA A 153 -13.18 -20.90 19.01
C ALA A 153 -11.81 -21.46 18.64
N ARG A 154 -10.77 -20.62 18.68
CA ARG A 154 -9.43 -21.09 18.36
C ARG A 154 -9.08 -22.32 19.19
N ASP A 155 -9.46 -22.32 20.47
CA ASP A 155 -9.22 -23.47 21.34
C ASP A 155 -9.91 -24.75 20.82
N LEU A 156 -11.08 -24.61 20.21
CA LEU A 156 -11.88 -25.78 19.81
C LEU A 156 -11.70 -26.20 18.37
N LEU A 157 -11.40 -25.28 17.44
CA LEU A 157 -11.46 -25.65 16.05
C LEU A 157 -10.32 -26.58 15.72
N PRO A 158 -10.44 -27.36 14.66
CA PRO A 158 -9.32 -28.20 14.26
C PRO A 158 -8.13 -27.34 13.89
N ILE A 159 -6.94 -27.93 13.97
CA ILE A 159 -5.72 -27.22 13.60
C ILE A 159 -5.17 -27.68 12.27
N LYS A 160 -5.76 -28.71 11.68
CA LYS A 160 -5.45 -29.10 10.32
C LYS A 160 -6.77 -29.46 9.63
N PRO A 161 -6.82 -29.41 8.31
CA PRO A 161 -8.04 -29.87 7.63
C PRO A 161 -8.28 -31.35 7.83
N VAL A 162 -9.55 -31.72 8.03
CA VAL A 162 -9.93 -33.13 8.03
C VAL A 162 -9.57 -33.71 6.67
N GLU A 163 -9.63 -35.03 6.54
CA GLU A 163 -9.37 -35.62 5.24
C GLU A 163 -10.42 -35.13 4.25
N ILE A 164 -9.98 -34.67 3.11
CA ILE A 164 -10.91 -34.24 2.06
C ILE A 164 -10.85 -35.26 0.93
N ALA A 165 -11.99 -35.46 0.27
CA ALA A 165 -12.00 -36.21 -0.98
C ALA A 165 -11.19 -35.46 -2.03
N ILE A 166 -10.37 -36.18 -2.78
CA ILE A 166 -9.47 -35.61 -3.79
C ILE A 166 -9.55 -36.50 -5.02
N GLU A 167 -10.08 -35.98 -6.13
CA GLU A 167 -10.07 -36.78 -7.35
C GLU A 167 -8.65 -36.89 -7.91
N ALA A 168 -8.36 -38.03 -8.54
CA ALA A 168 -7.04 -38.20 -9.12
C ALA A 168 -6.74 -37.15 -10.19
N TRP A 169 -7.76 -36.63 -10.84
CA TRP A 169 -7.58 -35.68 -11.93
C TRP A 169 -7.54 -34.23 -11.44
N TRP A 170 -7.68 -34.02 -10.13
CA TRP A 170 -7.41 -32.70 -9.60
C TRP A 170 -5.93 -32.39 -9.74
N VAL A 171 -5.62 -31.13 -9.91
CA VAL A 171 -4.26 -30.72 -10.17
C VAL A 171 -3.66 -30.20 -8.88
N VAL A 172 -2.45 -30.62 -8.58
CA VAL A 172 -1.73 -30.20 -7.38
C VAL A 172 -0.80 -29.06 -7.76
N GLN A 173 -0.83 -28.00 -6.94
CA GLN A 173 -0.08 -26.79 -7.18
C GLN A 173 0.79 -26.50 -5.97
N ALA A 174 1.99 -25.99 -6.23
CA ALA A 174 2.92 -25.70 -5.16
C ALA A 174 2.50 -24.41 -4.47
N GLY A 175 2.36 -24.46 -3.15
CA GLY A 175 2.09 -23.25 -2.42
C GLY A 175 3.30 -22.35 -2.36
N TYR A 176 3.33 -21.45 -1.38
CA TYR A 176 4.55 -20.76 -1.03
C TYR A 176 5.33 -21.60 -0.01
N ILE A 177 6.51 -22.04 -0.40
CA ILE A 177 7.27 -22.97 0.42
C ILE A 177 8.56 -22.29 0.85
N THR A 178 8.75 -22.12 2.16
CA THR A 178 10.03 -21.63 2.68
C THR A 178 10.93 -22.80 3.03
N GLU A 179 12.19 -22.46 3.34
CA GLU A 179 13.16 -23.47 3.77
C GLU A 179 12.79 -24.05 5.14
N ASP A 180 12.36 -23.20 6.08
CA ASP A 180 11.89 -23.71 7.36
C ASP A 180 10.68 -24.61 7.15
N ASP A 181 9.83 -24.24 6.18
CA ASP A 181 8.68 -25.06 5.85
C ASP A 181 9.11 -26.46 5.46
N ILE A 182 10.00 -26.58 4.46
CA ILE A 182 10.45 -27.92 4.08
C ILE A 182 11.16 -28.61 5.24
N LYS A 183 11.94 -27.87 6.03
CA LYS A 183 12.58 -28.43 7.22
C LYS A 183 11.62 -29.30 8.01
N ILE A 184 10.31 -29.12 7.83
CA ILE A 184 9.35 -30.02 8.47
C ILE A 184 8.84 -31.10 7.50
N CYS A 185 9.34 -31.16 6.28
CA CYS A 185 8.83 -32.11 5.31
C CYS A 185 9.52 -33.46 5.45
N THR A 186 8.80 -34.50 5.03
CA THR A 186 9.40 -35.80 4.75
C THR A 186 10.10 -35.73 3.39
N LEU A 187 10.87 -36.77 3.09
CA LEU A 187 11.59 -36.81 1.82
C LEU A 187 10.66 -37.17 0.66
N PRO A 188 9.68 -38.08 0.85
CA PRO A 188 8.68 -38.22 -0.22
C PRO A 188 7.92 -36.92 -0.45
N GLU A 189 7.63 -36.18 0.62
CA GLU A 189 7.02 -34.85 0.48
C GLU A 189 7.90 -33.90 -0.31
N LYS A 190 9.21 -33.90 -0.03
CA LYS A 190 10.14 -33.08 -0.78
C LYS A 190 10.24 -33.55 -2.23
N CYS A 191 10.15 -34.86 -2.43
CA CYS A 191 10.17 -35.42 -3.77
C CYS A 191 9.02 -34.83 -4.60
N ALA A 192 7.83 -34.80 -4.00
CA ALA A 192 6.66 -34.21 -4.67
C ALA A 192 6.88 -32.73 -4.95
N VAL A 193 7.24 -31.96 -3.93
CA VAL A 193 7.42 -30.52 -4.13
C VAL A 193 8.36 -30.26 -5.29
N ASP A 194 9.53 -30.91 -5.27
CA ASP A 194 10.53 -30.67 -6.30
C ASP A 194 10.02 -31.14 -7.66
N LYS A 195 9.26 -32.24 -7.69
CA LYS A 195 8.55 -32.61 -8.92
C LYS A 195 7.70 -31.46 -9.42
N ILE A 196 6.83 -30.92 -8.55
CA ILE A 196 5.95 -29.82 -8.94
C ILE A 196 6.75 -28.59 -9.32
N ILE A 197 7.79 -28.26 -8.55
CA ILE A 197 8.64 -27.11 -8.89
C ILE A 197 9.35 -27.33 -10.23
N ASP A 198 9.76 -28.56 -10.53
CA ASP A 198 10.47 -28.82 -11.78
C ASP A 198 9.51 -29.02 -12.94
N SER A 199 8.63 -30.02 -12.83
CA SER A 199 7.77 -30.35 -13.96
C SER A 199 6.54 -29.46 -14.04
N GLY A 200 6.33 -28.57 -13.07
CA GLY A 200 5.14 -27.75 -13.03
C GLY A 200 4.00 -28.43 -12.29
N PRO A 201 2.79 -27.92 -12.46
CA PRO A 201 1.62 -28.54 -11.81
C PRO A 201 1.54 -30.01 -12.13
N GLN A 202 1.00 -30.78 -11.18
CA GLN A 202 0.97 -32.23 -11.25
C GLN A 202 -0.44 -32.72 -11.03
N LEU A 203 -0.96 -33.53 -11.96
CA LEU A 203 -2.13 -34.33 -11.69
C LEU A 203 -1.96 -35.04 -10.36
N SER A 204 -3.03 -35.09 -9.58
CA SER A 204 -2.85 -35.60 -8.24
C SER A 204 -2.63 -37.11 -8.25
N GLY A 205 -3.23 -37.81 -9.22
CA GLY A 205 -2.99 -39.25 -9.31
C GLY A 205 -1.53 -39.57 -9.51
N SER A 206 -0.77 -38.66 -10.14
CA SER A 206 0.62 -38.88 -10.48
C SER A 206 1.51 -38.91 -9.27
N LEU A 207 1.04 -38.45 -8.13
CA LEU A 207 1.84 -38.35 -6.92
C LEU A 207 1.39 -39.40 -5.90
N ASP A 208 2.21 -39.58 -4.86
CA ASP A 208 1.78 -40.39 -3.72
C ASP A 208 0.59 -39.75 -3.03
N TYR A 209 -0.44 -40.53 -2.86
CA TYR A 209 -1.65 -40.10 -2.18
C TYR A 209 -1.35 -39.59 -0.78
N ASN A 210 -0.50 -40.27 -0.05
CA ASN A 210 -0.33 -39.85 1.33
C ASN A 210 0.52 -38.61 1.40
N VAL A 211 1.41 -38.41 0.44
CA VAL A 211 2.14 -37.15 0.35
C VAL A 211 1.21 -36.02 -0.07
N VAL A 212 0.26 -36.31 -0.97
CA VAL A 212 -0.71 -35.27 -1.36
C VAL A 212 -1.57 -34.89 -0.16
N HIS A 213 -2.10 -35.88 0.55
CA HIS A 213 -2.90 -35.49 1.70
C HIS A 213 -2.08 -34.84 2.80
N SER A 214 -0.79 -35.14 2.90
CA SER A 214 -0.04 -34.53 3.99
C SER A 214 0.47 -33.14 3.61
N LEU A 215 0.96 -32.98 2.38
CA LEU A 215 1.25 -31.64 1.90
C LEU A 215 -0.01 -30.77 2.00
N TYR A 216 -1.15 -31.33 1.59
CA TYR A 216 -2.38 -30.56 1.66
C TYR A 216 -2.67 -30.15 3.09
N ASN A 217 -2.53 -31.08 4.04
CA ASN A 217 -2.71 -30.73 5.45
C ASN A 217 -1.73 -29.66 5.93
N LYS A 218 -0.49 -29.72 5.47
CA LYS A 218 0.41 -28.67 5.88
C LYS A 218 0.07 -27.35 5.22
N GLY A 219 -0.80 -27.35 4.20
CA GLY A 219 -1.01 -26.13 3.46
C GLY A 219 0.08 -25.84 2.47
N PHE A 220 0.89 -26.82 2.11
CA PHE A 220 2.02 -26.57 1.23
C PHE A 220 1.64 -26.69 -0.23
N ILE A 221 0.45 -27.22 -0.50
CA ILE A 221 -0.08 -27.28 -1.85
C ILE A 221 -1.52 -26.81 -1.79
N TYR A 222 -2.05 -26.47 -2.95
CA TYR A 222 -3.46 -26.17 -3.10
C TYR A 222 -3.95 -26.92 -4.32
N LEU A 223 -5.25 -27.12 -4.40
CA LEU A 223 -5.83 -27.97 -5.43
C LEU A 223 -6.59 -27.14 -6.47
N ASP A 224 -6.24 -27.32 -7.73
CA ASP A 224 -7.07 -26.83 -8.80
C ASP A 224 -8.00 -27.94 -9.26
N VAL A 225 -9.23 -27.56 -9.59
CA VAL A 225 -10.22 -28.49 -10.08
C VAL A 225 -10.55 -28.05 -11.50
N PRO A 226 -9.88 -28.60 -12.51
CA PRO A 226 -9.99 -28.08 -13.87
C PRO A 226 -11.40 -28.23 -14.44
N ILE A 227 -11.92 -27.14 -14.98
CA ILE A 227 -13.14 -27.18 -15.77
C ILE A 227 -12.86 -26.45 -17.05
N SER A 228 -13.07 -27.11 -18.17
CA SER A 228 -12.81 -26.57 -19.49
C SER A 228 -14.14 -26.30 -20.18
N ASP A 229 -14.06 -25.70 -21.35
CA ASP A 229 -15.29 -25.42 -22.08
C ASP A 229 -15.93 -26.71 -22.60
N ASP A 230 -15.11 -27.66 -23.05
CA ASP A 230 -15.60 -28.97 -23.44
C ASP A 230 -16.03 -29.84 -22.27
N SER A 231 -15.81 -29.41 -21.03
CA SER A 231 -16.20 -30.24 -19.90
C SER A 231 -17.71 -30.44 -19.88
N CYS A 232 -18.11 -31.67 -19.60
CA CYS A 232 -19.49 -32.02 -19.36
C CYS A 232 -19.59 -32.43 -17.90
N ILE A 233 -20.66 -32.01 -17.24
CA ILE A 233 -20.79 -32.25 -15.82
C ILE A 233 -22.21 -32.69 -15.52
N ALA A 234 -22.34 -33.52 -14.50
CA ALA A 234 -23.59 -34.10 -14.06
C ALA A 234 -23.79 -33.68 -12.63
N VAL A 235 -25.06 -33.61 -12.23
CA VAL A 235 -25.42 -33.20 -10.87
C VAL A 235 -26.35 -34.25 -10.27
N PRO A 236 -25.98 -34.89 -9.17
CA PRO A 236 -26.97 -35.55 -8.33
C PRO A 236 -27.68 -34.49 -7.51
N PRO A 237 -28.99 -34.63 -7.26
CA PRO A 237 -29.80 -33.44 -6.93
C PRO A 237 -29.78 -32.99 -5.46
N LEU A 238 -29.75 -33.92 -4.51
CA LEU A 238 -30.03 -33.58 -3.09
C LEU A 238 -28.97 -32.66 -2.48
N GLU A 252 -23.98 -14.92 -4.36
CA GLU A 252 -24.85 -15.13 -3.20
C GLU A 252 -25.79 -16.33 -3.41
N THR A 253 -27.09 -16.05 -3.51
CA THR A 253 -28.07 -17.03 -3.93
C THR A 253 -27.85 -17.43 -5.39
N LEU A 254 -27.04 -16.68 -6.14
CA LEU A 254 -26.78 -17.05 -7.52
C LEU A 254 -26.18 -18.44 -7.62
N LEU A 255 -25.17 -18.74 -6.80
CA LEU A 255 -24.55 -20.07 -6.85
C LEU A 255 -25.58 -21.16 -6.61
N TYR A 256 -26.37 -21.06 -5.53
CA TYR A 256 -27.43 -22.03 -5.33
C TYR A 256 -28.46 -21.97 -6.47
N LYS A 257 -28.52 -20.86 -7.19
CA LYS A 257 -29.44 -20.78 -8.32
C LYS A 257 -28.80 -21.30 -9.60
N ILE A 258 -27.53 -20.99 -9.89
CA ILE A 258 -26.90 -21.63 -11.04
C ILE A 258 -26.90 -23.12 -10.85
N PHE A 259 -27.01 -23.56 -9.62
CA PHE A 259 -26.78 -24.95 -9.35
C PHE A 259 -28.02 -25.78 -9.67
N VAL A 260 -29.14 -25.43 -9.03
CA VAL A 260 -30.41 -26.06 -9.35
C VAL A 260 -30.67 -25.97 -10.85
N SER A 261 -30.33 -24.83 -11.45
CA SER A 261 -30.66 -24.51 -12.83
C SER A 261 -29.99 -25.41 -13.85
N ILE A 262 -29.14 -26.37 -13.48
CA ILE A 262 -28.32 -27.03 -14.49
C ILE A 262 -28.41 -28.55 -14.36
N ASP A 263 -27.95 -29.19 -15.45
CA ASP A 263 -27.61 -30.60 -15.68
C ASP A 263 -27.59 -30.75 -17.20
N GLU A 264 -28.79 -30.79 -17.80
CA GLU A 264 -29.00 -30.61 -19.24
C GLU A 264 -28.11 -31.45 -20.15
N HIS A 265 -27.32 -32.36 -19.58
CA HIS A 265 -26.47 -33.31 -20.32
C HIS A 265 -25.67 -32.61 -21.42
N THR A 266 -24.92 -31.58 -21.02
CA THR A 266 -24.37 -30.65 -22.00
C THR A 266 -23.04 -30.10 -21.51
N ASN A 267 -22.17 -29.77 -22.48
CA ASN A 267 -21.03 -28.86 -22.38
C ASN A 267 -21.12 -27.83 -21.26
N VAL A 268 -19.98 -27.31 -20.81
CA VAL A 268 -20.04 -26.20 -19.86
C VAL A 268 -20.18 -24.87 -20.59
N ALA A 269 -19.44 -24.70 -21.67
CA ALA A 269 -19.60 -23.50 -22.50
C ALA A 269 -21.02 -23.40 -23.02
N GLU A 270 -21.54 -24.50 -23.58
CA GLU A 270 -22.95 -24.52 -23.98
C GLU A 270 -23.86 -24.38 -22.76
N LEU A 271 -23.36 -24.69 -21.56
CA LEU A 271 -24.14 -24.45 -20.35
C LEU A 271 -24.14 -22.97 -20.01
N ALA A 272 -23.02 -22.29 -20.30
CA ALA A 272 -22.95 -20.86 -20.04
C ALA A 272 -23.91 -20.11 -20.94
N ASN A 273 -23.86 -20.41 -22.24
CA ASN A 273 -24.70 -19.74 -23.23
C ASN A 273 -26.17 -19.85 -22.86
N VAL A 274 -26.66 -21.08 -22.75
CA VAL A 274 -28.04 -21.32 -22.32
C VAL A 274 -28.37 -20.56 -21.05
N LEU A 275 -27.50 -20.69 -20.03
CA LEU A 275 -27.71 -19.98 -18.78
C LEU A 275 -27.61 -18.47 -18.95
N GLU A 276 -27.02 -18.02 -20.06
CA GLU A 276 -26.81 -16.60 -20.36
C GLU A 276 -25.99 -15.88 -19.27
N ILE A 277 -25.23 -16.64 -18.48
CA ILE A 277 -24.28 -16.09 -17.52
C ILE A 277 -22.90 -16.19 -18.15
N ASP A 278 -22.00 -15.27 -17.80
CA ASP A 278 -20.68 -15.28 -18.43
C ASP A 278 -19.98 -16.60 -18.16
N LEU A 279 -19.19 -17.03 -19.14
CA LEU A 279 -18.61 -18.37 -19.13
C LEU A 279 -17.54 -18.51 -18.05
N SER A 280 -16.56 -17.61 -18.04
CA SER A 280 -15.53 -17.67 -17.00
C SER A 280 -16.15 -17.82 -15.62
N LEU A 281 -17.23 -17.09 -15.36
CA LEU A 281 -17.86 -17.21 -14.07
C LEU A 281 -18.55 -18.56 -13.91
N VAL A 282 -18.93 -19.20 -15.01
CA VAL A 282 -19.59 -20.50 -14.90
C VAL A 282 -18.58 -21.63 -14.76
N LYS A 283 -17.45 -21.56 -15.49
CA LYS A 283 -16.33 -22.47 -15.26
C LYS A 283 -15.91 -22.47 -13.79
N ASN A 284 -15.74 -21.27 -13.20
CA ASN A 284 -15.37 -21.21 -11.80
C ASN A 284 -16.43 -21.85 -10.91
N ALA A 285 -17.70 -21.61 -11.21
CA ALA A 285 -18.73 -22.07 -10.30
C ALA A 285 -18.83 -23.59 -10.32
N VAL A 286 -18.67 -24.21 -11.48
CA VAL A 286 -18.84 -25.67 -11.50
C VAL A 286 -17.53 -26.35 -11.10
N SER A 287 -16.39 -25.69 -11.33
CA SER A 287 -15.20 -26.11 -10.62
C SER A 287 -15.45 -26.16 -9.11
N MET A 288 -16.17 -25.17 -8.60
CA MET A 288 -16.46 -25.19 -7.18
C MET A 288 -17.46 -26.28 -6.84
N TYR A 289 -18.41 -26.56 -7.74
CA TYR A 289 -19.42 -27.57 -7.41
C TYR A 289 -18.80 -28.96 -7.39
N CYS A 290 -17.90 -29.21 -8.33
CA CYS A 290 -17.15 -30.45 -8.35
C CYS A 290 -16.31 -30.61 -7.11
N ARG A 291 -15.56 -29.55 -6.76
CA ARG A 291 -14.67 -29.63 -5.62
C ARG A 291 -15.41 -30.02 -4.37
N LEU A 292 -16.65 -29.58 -4.23
CA LEU A 292 -17.41 -29.72 -3.01
C LEU A 292 -18.35 -30.91 -3.05
N GLY A 293 -18.41 -31.60 -4.18
CA GLY A 293 -19.23 -32.79 -4.28
C GLY A 293 -20.64 -32.55 -4.74
N PHE A 294 -20.95 -31.35 -5.21
CA PHE A 294 -22.27 -31.00 -5.70
C PHE A 294 -22.43 -31.33 -7.16
N ALA A 295 -21.33 -31.44 -7.89
CA ALA A 295 -21.36 -31.76 -9.31
C ALA A 295 -20.26 -32.76 -9.58
N HIS A 296 -20.41 -33.48 -10.67
CA HIS A 296 -19.58 -34.63 -10.96
C HIS A 296 -19.09 -34.44 -12.38
N LYS A 297 -17.79 -34.25 -12.53
CA LYS A 297 -17.22 -34.00 -13.84
C LYS A 297 -17.16 -35.31 -14.62
N LYS A 298 -17.95 -35.39 -15.67
CA LYS A 298 -18.06 -36.59 -16.47
C LYS A 298 -16.85 -36.75 -17.38
N GLY A 299 -16.70 -37.96 -17.92
CA GLY A 299 -15.62 -38.30 -18.82
C GLY A 299 -14.28 -38.49 -18.16
N GLN A 300 -14.21 -38.45 -16.83
CA GLN A 300 -12.92 -38.60 -16.21
C GLN A 300 -12.55 -40.08 -16.19
N VAL A 301 -11.28 -40.35 -16.45
CA VAL A 301 -10.83 -41.65 -16.90
C VAL A 301 -9.44 -41.87 -16.33
N ILE A 302 -9.33 -42.72 -15.31
CA ILE A 302 -8.05 -43.00 -14.69
C ILE A 302 -7.31 -44.02 -15.53
N ASN A 303 -6.11 -43.68 -15.97
CA ASN A 303 -5.25 -44.58 -16.70
C ASN A 303 -4.35 -45.24 -15.66
N LEU A 304 -4.59 -46.51 -15.39
CA LEU A 304 -3.97 -47.18 -14.24
C LEU A 304 -2.50 -47.41 -14.46
N ASP A 305 -2.05 -47.36 -15.70
CA ASP A 305 -0.62 -47.38 -15.96
C ASP A 305 0.07 -46.11 -15.48
N GLN A 306 -0.65 -45.00 -15.35
CA GLN A 306 -0.03 -43.78 -14.83
C GLN A 306 -0.41 -43.48 -13.39
N LEU A 307 -1.44 -44.13 -12.89
CA LEU A 307 -1.88 -43.86 -11.53
C LEU A 307 -0.82 -44.35 -10.58
N HIS A 308 -0.25 -43.44 -9.80
CA HIS A 308 0.66 -43.83 -8.74
C HIS A 308 -0.01 -44.87 -7.86
N SER A 309 0.79 -45.82 -7.37
CA SER A 309 0.26 -47.04 -6.76
C SER A 309 -0.49 -46.79 -5.46
N SER A 310 -0.23 -45.67 -4.79
CA SER A 310 -0.90 -45.42 -3.53
C SER A 310 -2.38 -45.14 -3.71
N TRP A 311 -2.82 -44.94 -4.96
CA TRP A 311 -4.20 -44.61 -5.24
C TRP A 311 -4.98 -45.88 -5.50
N MET B 1 30.31 4.09 7.74
CA MET B 1 30.04 4.77 9.00
C MET B 1 29.45 3.78 10.00
N ASN B 2 30.16 3.58 11.09
CA ASN B 2 29.62 2.79 12.16
C ASN B 2 28.39 3.48 12.73
N ILE B 3 27.50 2.68 13.31
CA ILE B 3 26.43 3.25 14.11
C ILE B 3 27.01 4.05 15.27
N ASP B 4 28.11 3.58 15.85
CA ASP B 4 28.69 4.28 16.98
C ASP B 4 29.15 5.67 16.60
N VAL B 5 29.57 5.89 15.35
CA VAL B 5 29.98 7.23 14.96
C VAL B 5 28.77 8.12 14.79
N GLU B 6 27.78 7.64 14.05
CA GLU B 6 26.58 8.43 13.87
C GLU B 6 25.94 8.76 15.21
N PHE B 7 25.94 7.79 16.13
CA PHE B 7 25.40 8.03 17.45
C PHE B 7 26.00 9.29 18.08
N HIS B 8 27.33 9.37 18.11
CA HIS B 8 27.97 10.51 18.74
C HIS B 8 27.88 11.77 17.93
N ILE B 9 27.55 11.66 16.64
CA ILE B 9 27.23 12.86 15.88
C ILE B 9 25.79 13.28 16.15
N ARG B 10 24.85 12.34 16.13
CA ARG B 10 23.47 12.62 16.53
C ARG B 10 23.41 13.45 17.81
N HIS B 11 24.08 12.99 18.87
CA HIS B 11 24.13 13.60 20.18
C HIS B 11 25.21 14.66 20.31
N ASN B 12 25.70 15.20 19.20
CA ASN B 12 26.55 16.38 19.18
C ASN B 12 27.80 16.24 20.06
N TYR B 13 28.44 15.09 20.03
CA TYR B 13 29.72 14.94 20.75
C TYR B 13 30.83 15.67 20.01
N PRO B 14 31.50 16.63 20.63
CA PRO B 14 32.76 17.10 20.06
C PRO B 14 33.78 15.98 20.09
N TRP B 15 34.85 16.20 19.33
CA TRP B 15 35.93 15.21 19.22
C TRP B 15 36.58 14.93 20.56
N ASN B 16 36.93 15.99 21.31
CA ASN B 16 37.63 15.81 22.58
C ASN B 16 36.84 14.93 23.55
N LYS B 17 35.51 15.03 23.56
CA LYS B 17 34.65 14.27 24.44
C LYS B 17 34.31 12.89 23.88
N LEU B 18 35.02 12.46 22.83
CA LEU B 18 34.59 11.21 22.20
C LEU B 18 35.30 10.02 22.84
N PRO B 19 34.57 8.92 23.04
CA PRO B 19 35.21 7.67 23.46
C PRO B 19 36.31 7.26 22.47
N ALA B 20 37.31 6.55 22.99
CA ALA B 20 38.51 6.27 22.19
C ALA B 20 38.30 5.19 21.14
N ASN B 21 37.38 4.25 21.37
CA ASN B 21 37.01 3.29 20.32
C ASN B 21 36.48 4.01 19.09
N VAL B 22 35.59 4.99 19.29
CA VAL B 22 35.08 5.78 18.20
C VAL B 22 36.20 6.63 17.60
N ARG B 23 37.04 7.21 18.44
CA ARG B 23 38.19 7.94 17.92
C ARG B 23 39.09 6.98 17.12
N GLN B 24 39.24 5.75 17.59
CA GLN B 24 40.01 4.76 16.85
C GLN B 24 39.37 4.49 15.50
N SER B 25 38.06 4.23 15.52
CA SER B 25 37.37 3.88 14.29
C SER B 25 37.58 4.92 13.21
N LEU B 26 37.96 6.14 13.58
CA LEU B 26 38.22 7.21 12.63
C LEU B 26 39.72 7.46 12.44
N GLY B 27 40.53 6.43 12.70
CA GLY B 27 41.97 6.57 12.64
C GLY B 27 42.50 7.69 13.50
N ASN B 28 41.91 7.88 14.68
CA ASN B 28 42.29 8.96 15.60
C ASN B 28 42.39 10.30 14.90
N SER B 29 41.67 10.51 13.80
CA SER B 29 41.75 11.77 13.07
C SER B 29 40.55 12.65 13.41
N GLN B 30 40.81 13.76 14.08
CA GLN B 30 39.73 14.73 14.29
C GLN B 30 39.16 15.16 12.95
N ARG B 31 40.02 15.42 11.97
CA ARG B 31 39.53 15.85 10.66
C ARG B 31 38.65 14.79 10.02
N GLU B 32 38.96 13.51 10.21
CA GLU B 32 38.08 12.47 9.72
C GLU B 32 36.69 12.59 10.34
N TYR B 33 36.63 12.71 11.67
CA TYR B 33 35.37 12.93 12.37
C TYR B 33 34.63 14.14 11.82
N GLU B 34 35.36 15.24 11.61
CA GLU B 34 34.71 16.44 11.13
C GLU B 34 34.09 16.22 9.75
N LYS B 35 34.75 15.46 8.88
CA LYS B 35 34.14 15.07 7.61
C LYS B 35 32.87 14.28 7.86
N GLN B 36 32.94 13.35 8.80
CA GLN B 36 31.77 12.55 9.11
C GLN B 36 30.66 13.41 9.67
N VAL B 37 31.01 14.43 10.42
CA VAL B 37 29.99 15.30 10.97
C VAL B 37 29.21 15.96 9.85
N VAL B 38 29.90 16.56 8.86
CA VAL B 38 29.18 17.23 7.79
C VAL B 38 28.43 16.22 6.95
N LEU B 39 29.06 15.08 6.65
CA LEU B 39 28.39 14.06 5.87
C LEU B 39 27.07 13.63 6.52
N TYR B 40 27.12 13.24 7.79
CA TYR B 40 25.91 12.79 8.47
C TYR B 40 24.90 13.92 8.58
N SER B 41 25.37 15.13 8.87
CA SER B 41 24.48 16.27 8.95
C SER B 41 23.72 16.45 7.67
N ILE B 42 24.42 16.33 6.57
CA ILE B 42 23.80 16.53 5.27
C ILE B 42 22.83 15.40 4.97
N ARG B 43 23.30 14.16 5.08
CA ARG B 43 22.41 13.01 4.87
C ARG B 43 21.13 13.13 5.67
N ASN B 44 21.21 13.72 6.85
CA ASN B 44 20.08 13.79 7.76
C ASN B 44 19.40 15.14 7.74
N GLN B 45 19.81 16.03 6.87
CA GLN B 45 19.19 17.34 6.79
C GLN B 45 19.06 17.98 8.17
N LEU B 46 20.19 18.02 8.90
CA LEU B 46 20.23 18.60 10.24
C LEU B 46 20.19 20.12 10.19
N ARG B 47 19.48 20.70 11.15
CA ARG B 47 19.55 22.14 11.35
C ARG B 47 20.98 22.54 11.75
N TYR B 48 21.46 23.60 11.14
CA TYR B 48 22.84 24.00 11.38
C TYR B 48 23.07 24.48 12.81
N ARG B 49 22.28 25.45 13.29
CA ARG B 49 22.62 26.10 14.55
C ARG B 49 22.36 25.23 15.78
N ASN B 50 21.55 24.20 15.64
CA ASN B 50 21.27 23.25 16.71
C ASN B 50 22.32 22.17 16.81
N ASN B 51 23.36 22.18 15.99
CA ASN B 51 24.09 20.94 15.81
C ASN B 51 25.58 21.15 15.64
N LEU B 52 26.27 20.04 15.89
CA LEU B 52 27.72 19.97 15.85
C LEU B 52 28.31 20.56 14.58
N VAL B 53 27.64 20.34 13.44
CA VAL B 53 28.18 20.78 12.16
C VAL B 53 28.54 22.26 12.16
N LYS B 54 27.88 23.08 12.99
CA LYS B 54 28.20 24.51 12.97
C LYS B 54 29.57 24.82 13.55
N HIS B 55 30.17 23.88 14.31
CA HIS B 55 31.54 24.03 14.78
C HIS B 55 32.57 23.57 13.77
N VAL B 56 32.21 22.76 12.79
CA VAL B 56 33.17 22.38 11.76
C VAL B 56 32.95 23.13 10.47
N LYS B 57 31.72 23.20 9.97
CA LYS B 57 31.51 23.96 8.74
C LYS B 57 31.05 25.36 9.14
N LYS B 58 31.82 26.37 8.76
CA LYS B 58 31.64 27.70 9.34
C LYS B 58 30.63 28.56 8.58
N ASP B 59 30.41 28.32 7.30
CA ASP B 59 29.48 29.14 6.52
C ASP B 59 28.09 28.49 6.49
N GLU B 60 27.16 29.06 7.26
CA GLU B 60 25.83 28.47 7.40
C GLU B 60 25.14 28.34 6.05
N ARG B 61 25.13 29.42 5.27
CA ARG B 61 24.45 29.40 3.98
C ARG B 61 24.95 28.26 3.10
N ARG B 62 26.27 28.08 3.01
CA ARG B 62 26.80 27.03 2.14
C ARG B 62 26.57 25.64 2.72
N TYR B 63 26.51 25.51 4.03
CA TYR B 63 26.08 24.23 4.57
C TYR B 63 24.70 23.85 4.02
N TYR B 64 23.74 24.78 4.12
CA TYR B 64 22.37 24.49 3.73
C TYR B 64 22.26 24.30 2.22
N GLU B 65 23.03 25.05 1.45
CA GLU B 65 23.07 24.81 0.01
C GLU B 65 23.58 23.41 -0.28
N GLU B 66 24.64 23.01 0.42
CA GLU B 66 25.16 21.65 0.28
C GLU B 66 24.12 20.65 0.71
N LEU B 67 23.39 20.96 1.78
CA LEU B 67 22.33 20.08 2.23
C LEU B 67 21.33 19.88 1.12
N LEU B 68 20.82 20.99 0.57
CA LEU B 68 19.76 20.89 -0.40
C LEU B 68 20.26 20.20 -1.65
N LYS B 69 21.52 20.48 -2.04
CA LYS B 69 22.08 19.83 -3.22
C LYS B 69 22.23 18.33 -2.99
N TYR B 70 22.70 17.93 -1.80
CA TYR B 70 22.76 16.51 -1.52
C TYR B 70 21.39 15.88 -1.57
N SER B 71 20.42 16.53 -0.89
CA SER B 71 19.06 16.01 -0.85
C SER B 71 18.49 15.86 -2.26
N ARG B 72 18.67 16.89 -3.10
CA ARG B 72 18.30 16.78 -4.49
C ARG B 72 18.96 15.58 -5.14
N ASP B 73 20.27 15.43 -4.92
CA ASP B 73 21.06 14.51 -5.72
C ASP B 73 20.74 13.07 -5.40
N HIS B 74 20.29 12.80 -4.19
CA HIS B 74 19.82 11.48 -3.78
C HIS B 74 18.33 11.40 -3.76
N LEU B 75 17.68 12.28 -4.51
CA LEU B 75 16.23 12.25 -4.65
C LEU B 75 15.53 12.16 -3.30
N MET B 76 16.00 12.90 -2.31
CA MET B 76 15.24 12.80 -1.08
C MET B 76 14.07 13.79 -1.06
N LEU B 77 13.21 13.62 -0.07
CA LEU B 77 12.19 14.61 0.21
C LEU B 77 12.80 15.96 0.53
N TYR B 78 12.15 17.00 0.06
CA TYR B 78 12.42 18.35 0.52
C TYR B 78 12.51 18.37 2.04
N PRO B 79 13.40 19.11 2.61
CA PRO B 79 13.45 19.12 4.09
C PRO B 79 12.44 20.11 4.64
N TYR B 80 11.18 19.66 4.71
CA TYR B 80 10.14 20.57 5.20
C TYR B 80 10.47 21.10 6.56
N HIS B 81 11.24 20.36 7.35
CA HIS B 81 11.60 20.85 8.68
C HIS B 81 12.61 22.00 8.64
N LEU B 82 13.15 22.33 7.48
CA LEU B 82 14.03 23.47 7.35
C LEU B 82 13.47 24.49 6.37
N SER B 83 12.14 24.53 6.23
CA SER B 83 11.52 25.39 5.23
C SER B 83 11.85 26.85 5.47
N ASP B 84 12.02 27.23 6.72
CA ASP B 84 12.44 28.59 7.03
C ASP B 84 13.81 28.88 6.46
N ILE B 85 14.72 27.92 6.54
CA ILE B 85 16.01 28.15 5.93
C ILE B 85 15.88 28.16 4.42
N MET B 86 15.28 27.12 3.88
CA MET B 86 15.34 26.93 2.44
C MET B 86 14.52 27.96 1.70
N VAL B 87 13.35 28.32 2.25
CA VAL B 87 12.50 29.30 1.57
C VAL B 87 12.98 30.72 1.84
N LYS B 88 12.99 31.13 3.11
CA LYS B 88 13.38 32.51 3.43
C LYS B 88 14.83 32.76 3.05
N GLY B 89 15.69 31.76 3.26
CA GLY B 89 17.12 31.97 3.10
C GLY B 89 17.60 31.67 1.71
N LEU B 90 17.46 30.43 1.27
CA LEU B 90 18.01 30.07 -0.02
C LEU B 90 17.06 30.39 -1.16
N ARG B 91 15.81 30.75 -0.86
CA ARG B 91 14.79 31.06 -1.88
C ARG B 91 14.40 29.81 -2.67
N ILE B 92 14.33 28.67 -2.00
CA ILE B 92 13.98 27.44 -2.68
C ILE B 92 12.76 26.83 -2.00
N THR B 93 11.60 27.00 -2.64
CA THR B 93 10.36 26.40 -2.20
C THR B 93 10.37 24.91 -2.50
N PRO B 94 9.48 24.14 -1.88
CA PRO B 94 9.32 22.75 -2.29
C PRO B 94 9.14 22.60 -3.77
N PHE B 95 8.38 23.49 -4.40
CA PHE B 95 8.14 23.36 -5.82
C PHE B 95 9.46 23.44 -6.59
N SER B 96 10.28 24.47 -6.31
CA SER B 96 11.56 24.62 -6.99
C SER B 96 12.44 23.42 -6.75
N TYR B 97 12.43 22.92 -5.51
CA TYR B 97 13.23 21.75 -5.18
C TYR B 97 12.84 20.57 -6.07
N TYR B 98 11.56 20.20 -6.12
CA TYR B 98 11.21 19.02 -6.90
C TYR B 98 11.34 19.28 -8.42
N THR B 99 11.15 20.52 -8.86
CA THR B 99 11.53 20.83 -10.24
C THR B 99 12.97 20.44 -10.52
N GLY B 100 13.87 20.77 -9.60
CA GLY B 100 15.27 20.42 -9.77
C GLY B 100 15.46 18.93 -9.86
N ILE B 101 14.84 18.18 -8.95
CA ILE B 101 14.86 16.72 -9.03
C ILE B 101 14.35 16.26 -10.38
N MET B 102 13.18 16.76 -10.78
CA MET B 102 12.61 16.36 -12.07
C MET B 102 13.57 16.62 -13.21
N GLU B 103 14.15 17.82 -13.27
CA GLU B 103 15.09 18.11 -14.35
C GLU B 103 16.24 17.14 -14.36
N ASP B 104 16.75 16.78 -13.18
CA ASP B 104 17.89 15.89 -13.10
C ASP B 104 17.57 14.53 -13.69
N ILE B 105 16.48 13.91 -13.25
CA ILE B 105 16.20 12.56 -13.70
C ILE B 105 15.67 12.60 -15.13
N MET B 106 15.05 13.70 -15.53
CA MET B 106 14.54 13.78 -16.89
C MET B 106 15.68 14.00 -17.87
N ASN B 107 16.60 14.93 -17.58
CA ASN B 107 17.69 15.24 -18.50
C ASN B 107 18.74 14.13 -18.54
N SER B 108 18.93 13.42 -17.45
CA SER B 108 19.79 12.25 -17.49
C SER B 108 19.02 11.01 -17.92
N GLU B 109 17.79 11.19 -18.39
CA GLU B 109 16.96 10.12 -18.92
C GLU B 109 16.72 9.01 -17.91
N LYS B 110 16.84 9.29 -16.62
CA LYS B 110 16.60 8.22 -15.66
C LYS B 110 15.13 7.82 -15.65
N SER B 111 14.83 6.73 -14.95
CA SER B 111 13.46 6.23 -14.86
C SER B 111 12.65 7.00 -13.83
N TYR B 112 11.35 7.15 -14.09
CA TYR B 112 10.48 7.60 -13.01
C TYR B 112 10.57 6.67 -11.83
N ASP B 113 10.85 5.38 -12.07
CA ASP B 113 10.82 4.40 -11.00
C ASP B 113 12.00 4.51 -10.06
N SER B 114 13.01 5.30 -10.40
CA SER B 114 14.07 5.55 -9.45
C SER B 114 13.66 6.53 -8.35
N LEU B 115 12.52 7.22 -8.48
CA LEU B 115 12.14 8.15 -7.43
C LEU B 115 11.73 7.38 -6.19
N PRO B 116 12.30 7.67 -5.05
CA PRO B 116 11.75 7.11 -3.80
C PRO B 116 10.27 7.45 -3.71
N ASN B 117 9.52 6.70 -2.91
CA ASN B 117 8.07 6.72 -3.06
C ASN B 117 7.48 8.04 -2.55
N PHE B 118 7.90 8.48 -1.37
CA PHE B 118 7.46 9.77 -0.89
C PHE B 118 7.93 10.90 -1.80
N THR B 119 9.17 10.83 -2.28
CA THR B 119 9.63 11.81 -3.26
C THR B 119 8.72 11.85 -4.45
N ALA B 120 8.34 10.69 -4.98
CA ALA B 120 7.44 10.69 -6.13
C ALA B 120 6.06 11.18 -5.74
N ALA B 121 5.66 10.95 -4.50
CA ALA B 121 4.40 11.48 -4.01
C ALA B 121 4.43 13.01 -3.97
N ASP B 122 5.52 13.57 -3.49
CA ASP B 122 5.59 15.04 -3.43
C ASP B 122 5.74 15.64 -4.82
N CYS B 123 6.37 14.94 -5.75
CA CYS B 123 6.38 15.45 -7.12
C CYS B 123 4.99 15.41 -7.74
N LEU B 124 4.18 14.40 -7.41
CA LEU B 124 2.81 14.41 -7.92
C LEU B 124 2.03 15.54 -7.27
N ARG B 125 2.20 15.70 -5.96
CA ARG B 125 1.44 16.71 -5.21
C ARG B 125 1.75 18.11 -5.70
N LEU B 126 3.03 18.43 -5.95
CA LEU B 126 3.44 19.78 -6.32
C LEU B 126 3.52 20.00 -7.82
N LEU B 127 4.05 19.07 -8.58
CA LEU B 127 4.16 19.30 -10.01
C LEU B 127 3.05 18.64 -10.80
N GLY B 128 2.23 17.80 -10.16
CA GLY B 128 1.24 17.04 -10.88
C GLY B 128 1.83 16.02 -11.80
N ILE B 129 3.06 15.59 -11.54
CA ILE B 129 3.78 14.69 -12.43
C ILE B 129 3.84 13.32 -11.78
N GLY B 130 3.02 12.40 -12.29
CA GLY B 130 3.13 11.01 -11.96
C GLY B 130 3.83 10.26 -13.08
N ARG B 131 3.85 8.94 -12.94
CA ARG B 131 4.55 8.09 -13.89
C ARG B 131 4.14 8.37 -15.33
N ASN B 132 2.85 8.49 -15.59
CA ASN B 132 2.46 8.62 -16.99
C ASN B 132 2.82 10.00 -17.51
N GLN B 133 2.57 11.04 -16.70
CA GLN B 133 3.02 12.36 -17.12
C GLN B 133 4.52 12.36 -17.35
N TYR B 134 5.26 11.73 -16.45
CA TYR B 134 6.70 11.64 -16.64
C TYR B 134 7.03 11.01 -17.98
N ILE B 135 6.35 9.88 -18.28
CA ILE B 135 6.59 9.18 -19.54
C ILE B 135 6.24 10.08 -20.71
N ASP B 136 5.13 10.81 -20.60
CA ASP B 136 4.74 11.67 -21.70
C ASP B 136 5.77 12.79 -21.94
N LEU B 137 6.19 13.46 -20.86
CA LEU B 137 7.17 14.53 -20.99
C LEU B 137 8.47 14.01 -21.57
N MET B 138 8.98 12.92 -21.01
CA MET B 138 10.18 12.29 -21.55
C MET B 138 10.00 12.01 -23.04
N ASN B 139 8.80 11.62 -23.45
CA ASN B 139 8.58 11.36 -24.86
C ASN B 139 8.64 12.64 -25.66
N GLN B 140 7.99 13.71 -25.18
CA GLN B 140 8.16 15.01 -25.84
C GLN B 140 9.61 15.42 -25.84
N CYS B 141 10.32 15.12 -24.76
CA CYS B 141 11.76 15.36 -24.73
C CYS B 141 12.43 14.58 -25.85
N ARG B 142 12.21 13.26 -25.90
CA ARG B 142 12.80 12.42 -26.94
C ARG B 142 12.47 12.95 -28.33
N SER B 143 11.22 13.37 -28.55
CA SER B 143 10.84 13.87 -29.87
C SER B 143 11.61 15.13 -30.22
N SER B 144 11.82 16.01 -29.24
CA SER B 144 12.45 17.30 -29.50
C SER B 144 13.83 17.12 -30.09
N LYS B 145 14.52 16.05 -29.69
CA LYS B 145 15.92 15.89 -30.06
C LYS B 145 16.10 15.98 -31.56
N LYS B 146 15.10 15.55 -32.33
CA LYS B 146 15.19 15.59 -33.79
C LYS B 146 14.56 16.83 -34.38
N PHE B 147 13.93 17.68 -33.57
CA PHE B 147 13.47 18.98 -34.05
C PHE B 147 14.60 20.01 -34.02
N PHE B 148 14.40 21.10 -34.76
CA PHE B 148 15.41 22.13 -34.79
C PHE B 148 15.56 22.77 -33.41
N ARG B 149 14.45 22.99 -32.72
CA ARG B 149 14.52 23.52 -31.38
C ARG B 149 14.36 22.35 -30.43
N ARG B 150 15.50 21.89 -29.91
CA ARG B 150 15.46 20.89 -28.87
C ARG B 150 14.84 21.48 -27.62
N LYS B 151 14.18 20.64 -26.86
CA LYS B 151 13.59 21.04 -25.61
C LYS B 151 14.29 20.28 -24.50
N THR B 152 14.21 20.82 -23.31
CA THR B 152 14.77 20.14 -22.18
C THR B 152 13.73 20.09 -21.09
N ALA B 153 13.95 19.24 -20.10
CA ALA B 153 13.14 19.21 -18.89
C ALA B 153 12.57 20.58 -18.52
N ARG B 154 13.42 21.60 -18.45
CA ARG B 154 12.95 22.93 -18.05
C ARG B 154 11.82 23.40 -18.97
N ASP B 155 12.01 23.25 -20.29
CA ASP B 155 10.98 23.63 -21.25
C ASP B 155 9.65 22.90 -21.00
N LEU B 156 9.69 21.67 -20.51
CA LEU B 156 8.50 20.85 -20.36
C LEU B 156 7.88 20.89 -18.98
N LEU B 157 8.65 21.22 -17.93
CA LEU B 157 8.14 21.10 -16.59
C LEU B 157 7.22 22.28 -16.26
N PRO B 158 6.28 22.11 -15.32
CA PRO B 158 5.42 23.25 -14.99
C PRO B 158 6.22 24.39 -14.41
N ILE B 159 5.71 25.62 -14.61
CA ILE B 159 6.37 26.83 -14.12
C ILE B 159 5.87 27.26 -12.76
N LYS B 160 4.80 26.63 -12.26
CA LYS B 160 4.25 26.95 -10.96
C LYS B 160 3.60 25.71 -10.41
N PRO B 161 3.58 25.53 -9.09
CA PRO B 161 2.97 24.31 -8.53
C PRO B 161 1.54 24.16 -9.01
N VAL B 162 1.13 22.92 -9.26
CA VAL B 162 -0.30 22.66 -9.39
C VAL B 162 -1.02 23.02 -8.09
N GLU B 163 -2.34 23.10 -8.17
CA GLU B 163 -3.16 23.30 -6.97
C GLU B 163 -2.90 22.19 -5.97
N ILE B 164 -2.70 22.57 -4.72
CA ILE B 164 -2.44 21.61 -3.66
C ILE B 164 -3.52 21.77 -2.61
N ALA B 165 -3.65 20.76 -1.76
CA ALA B 165 -4.57 20.79 -0.65
C ALA B 165 -3.90 21.47 0.54
N ILE B 166 -4.49 22.54 1.03
CA ILE B 166 -4.02 23.23 2.22
C ILE B 166 -5.06 23.02 3.31
N GLU B 167 -4.65 22.41 4.43
CA GLU B 167 -5.56 22.34 5.57
C GLU B 167 -5.70 23.70 6.21
N ALA B 168 -6.78 23.88 6.97
CA ALA B 168 -7.01 25.16 7.61
C ALA B 168 -6.16 25.37 8.85
N TRP B 169 -5.63 24.30 9.43
CA TRP B 169 -4.79 24.38 10.63
C TRP B 169 -3.30 24.38 10.32
N TRP B 170 -2.92 24.17 9.06
CA TRP B 170 -1.54 24.43 8.67
C TRP B 170 -1.20 25.88 8.93
N VAL B 171 0.08 26.15 9.16
CA VAL B 171 0.56 27.48 9.50
C VAL B 171 1.22 28.12 8.28
N VAL B 172 0.85 29.36 8.02
CA VAL B 172 1.39 30.10 6.89
C VAL B 172 2.50 30.99 7.41
N GLN B 173 3.65 30.91 6.74
CA GLN B 173 4.86 31.64 7.08
C GLN B 173 5.30 32.45 5.88
N ALA B 174 5.65 33.70 6.09
CA ALA B 174 6.14 34.52 5.00
C ALA B 174 7.46 33.98 4.50
N GLY B 175 7.61 33.90 3.18
CA GLY B 175 8.88 33.55 2.57
C GLY B 175 9.80 34.76 2.53
N TYR B 176 10.71 34.76 1.55
CA TYR B 176 11.50 35.94 1.24
C TYR B 176 10.72 36.77 0.25
N ILE B 177 10.14 37.88 0.72
CA ILE B 177 9.38 38.76 -0.17
C ILE B 177 10.16 40.06 -0.32
N THR B 178 10.60 40.33 -1.53
CA THR B 178 11.30 41.56 -1.85
C THR B 178 10.29 42.61 -2.28
N GLU B 179 10.72 43.88 -2.21
CA GLU B 179 9.81 44.96 -2.58
C GLU B 179 9.30 44.80 -4.01
N ASP B 180 10.13 44.25 -4.89
CA ASP B 180 9.64 43.98 -6.23
C ASP B 180 8.65 42.83 -6.23
N ASP B 181 8.87 41.81 -5.38
CA ASP B 181 7.91 40.71 -5.33
C ASP B 181 6.54 41.24 -5.00
N ILE B 182 6.47 42.17 -4.04
CA ILE B 182 5.18 42.62 -3.55
C ILE B 182 4.44 43.41 -4.62
N LYS B 183 5.17 44.07 -5.54
CA LYS B 183 4.49 44.89 -6.55
C LYS B 183 3.60 44.06 -7.45
N ILE B 184 3.92 42.79 -7.67
CA ILE B 184 3.06 41.96 -8.49
C ILE B 184 2.09 41.13 -7.64
N CYS B 185 1.98 41.45 -6.36
CA CYS B 185 0.94 40.85 -5.54
C CYS B 185 -0.35 41.64 -5.75
N THR B 186 -1.49 40.95 -5.67
CA THR B 186 -2.74 41.69 -5.64
C THR B 186 -2.90 42.36 -4.29
N LEU B 187 -4.01 43.12 -4.17
CA LEU B 187 -4.26 43.87 -2.93
C LEU B 187 -4.65 42.95 -1.79
N PRO B 188 -5.56 41.96 -1.97
CA PRO B 188 -5.71 40.92 -0.94
C PRO B 188 -4.40 40.24 -0.59
N GLU B 189 -3.64 39.83 -1.61
CA GLU B 189 -2.37 39.13 -1.37
C GLU B 189 -1.44 39.96 -0.52
N LYS B 190 -1.30 41.25 -0.86
CA LYS B 190 -0.53 42.15 -0.01
C LYS B 190 -1.10 42.20 1.40
N CYS B 191 -2.42 42.13 1.52
CA CYS B 191 -3.03 42.25 2.84
C CYS B 191 -2.58 41.09 3.73
N ALA B 192 -2.70 39.87 3.20
CA ALA B 192 -2.22 38.70 3.94
C ALA B 192 -0.73 38.82 4.25
N VAL B 193 0.08 39.23 3.27
CA VAL B 193 1.51 39.34 3.53
C VAL B 193 1.76 40.31 4.68
N ASP B 194 1.00 41.40 4.70
CA ASP B 194 1.14 42.38 5.78
C ASP B 194 0.72 41.77 7.10
N LYS B 195 -0.43 41.08 7.10
CA LYS B 195 -0.90 40.37 8.28
C LYS B 195 0.20 39.50 8.86
N ILE B 196 0.85 38.71 8.01
CA ILE B 196 1.81 37.72 8.49
C ILE B 196 3.02 38.40 9.10
N ILE B 197 3.49 39.48 8.50
CA ILE B 197 4.68 40.13 9.01
C ILE B 197 4.39 40.75 10.38
N ASP B 198 3.26 41.44 10.48
CA ASP B 198 2.87 42.10 11.73
C ASP B 198 2.56 41.07 12.81
N SER B 199 1.55 40.24 12.58
CA SER B 199 1.08 39.30 13.59
C SER B 199 1.79 37.97 13.51
N GLY B 200 2.94 37.89 12.85
CA GLY B 200 3.64 36.62 12.71
C GLY B 200 2.80 35.56 11.99
N PRO B 201 3.18 34.28 12.18
CA PRO B 201 2.53 33.22 11.41
C PRO B 201 1.06 33.13 11.72
N GLN B 202 0.30 32.74 10.71
CA GLN B 202 -1.16 32.69 10.73
C GLN B 202 -1.64 31.30 10.35
N LEU B 203 -2.65 30.81 11.05
CA LEU B 203 -3.31 29.60 10.61
C LEU B 203 -3.86 29.86 9.22
N SER B 204 -3.72 28.88 8.33
CA SER B 204 -4.18 29.15 6.98
C SER B 204 -5.67 29.51 6.98
N GLY B 205 -6.45 28.99 7.94
CA GLY B 205 -7.87 29.31 8.01
C GLY B 205 -8.14 30.77 8.33
N SER B 206 -7.24 31.42 9.08
CA SER B 206 -7.32 32.84 9.37
C SER B 206 -7.19 33.74 8.15
N LEU B 207 -6.77 33.22 7.00
CA LEU B 207 -6.44 34.08 5.88
C LEU B 207 -7.32 33.73 4.70
N ASP B 208 -7.28 34.60 3.69
CA ASP B 208 -8.14 34.37 2.55
C ASP B 208 -7.68 33.14 1.82
N TYR B 209 -8.63 32.22 1.60
CA TYR B 209 -8.32 30.91 1.05
C TYR B 209 -7.70 31.02 -0.33
N ASN B 210 -8.30 31.85 -1.19
CA ASN B 210 -7.72 32.05 -2.51
C ASN B 210 -6.38 32.71 -2.42
N VAL B 211 -6.22 33.58 -1.42
CA VAL B 211 -4.95 34.28 -1.24
C VAL B 211 -3.86 33.31 -0.81
N VAL B 212 -4.16 32.47 0.17
CA VAL B 212 -3.16 31.50 0.63
C VAL B 212 -2.68 30.66 -0.54
N HIS B 213 -3.62 30.21 -1.37
CA HIS B 213 -3.23 29.38 -2.50
C HIS B 213 -2.43 30.16 -3.53
N SER B 214 -2.66 31.45 -3.68
CA SER B 214 -1.89 32.12 -4.71
C SER B 214 -0.57 32.68 -4.19
N LEU B 215 -0.49 33.11 -2.93
CA LEU B 215 0.82 33.36 -2.38
C LEU B 215 1.67 32.10 -2.44
N TYR B 216 1.04 30.97 -2.20
CA TYR B 216 1.78 29.71 -2.26
C TYR B 216 2.20 29.44 -3.69
N ASN B 217 1.26 29.56 -4.63
CA ASN B 217 1.58 29.42 -6.04
C ASN B 217 2.75 30.30 -6.46
N LYS B 218 2.86 31.49 -5.88
CA LYS B 218 3.98 32.37 -6.21
C LYS B 218 5.26 32.01 -5.48
N GLY B 219 5.19 31.21 -4.43
CA GLY B 219 6.36 30.94 -3.63
C GLY B 219 6.64 31.96 -2.55
N PHE B 220 5.70 32.84 -2.25
CA PHE B 220 5.89 33.91 -1.30
C PHE B 220 5.60 33.49 0.12
N ILE B 221 4.88 32.39 0.30
CA ILE B 221 4.71 31.84 1.64
C ILE B 221 5.18 30.40 1.62
N TYR B 222 5.40 29.84 2.80
CA TYR B 222 5.47 28.39 2.93
C TYR B 222 4.59 27.94 4.09
N LEU B 223 4.25 26.65 4.08
CA LEU B 223 3.30 26.02 5.00
C LEU B 223 4.05 25.11 5.98
N ASP B 224 3.90 25.39 7.26
CA ASP B 224 4.27 24.42 8.30
C ASP B 224 3.06 23.56 8.62
N VAL B 225 3.30 22.27 8.75
CA VAL B 225 2.29 21.35 9.26
C VAL B 225 2.64 20.99 10.70
N PRO B 226 2.11 21.69 11.70
CA PRO B 226 2.59 21.48 13.07
C PRO B 226 2.24 20.10 13.59
N ILE B 227 3.24 19.41 14.14
CA ILE B 227 3.07 18.16 14.85
C ILE B 227 3.67 18.31 16.21
N SER B 228 2.88 18.01 17.24
CA SER B 228 3.32 18.12 18.62
C SER B 228 3.67 16.74 19.17
N ASP B 229 4.21 16.75 20.39
CA ASP B 229 4.45 15.50 21.11
C ASP B 229 3.14 14.81 21.46
N ASP B 230 2.16 15.59 21.90
CA ASP B 230 0.84 15.10 22.27
C ASP B 230 -0.09 14.94 21.07
N SER B 231 0.43 14.98 19.86
CA SER B 231 -0.41 14.84 18.68
C SER B 231 -0.72 13.38 18.45
N CYS B 232 -1.97 13.10 18.09
CA CYS B 232 -2.35 11.78 17.64
C CYS B 232 -2.64 11.85 16.16
N ILE B 233 -2.35 10.76 15.44
CA ILE B 233 -2.56 10.75 14.00
C ILE B 233 -3.11 9.39 13.61
N ALA B 234 -3.71 9.34 12.44
CA ALA B 234 -4.38 8.16 11.94
C ALA B 234 -3.93 7.93 10.51
N VAL B 235 -3.83 6.67 10.12
CA VAL B 235 -3.14 6.31 8.89
C VAL B 235 -3.95 5.40 7.98
N PRO B 236 -4.78 5.94 7.09
CA PRO B 236 -5.47 5.08 6.11
C PRO B 236 -4.51 4.52 5.05
N TYR B 250 18.03 4.00 2.67
CA TYR B 250 17.87 3.98 4.13
C TYR B 250 16.65 4.81 4.55
N PHE B 251 16.72 6.12 4.28
CA PHE B 251 15.63 7.02 4.68
C PHE B 251 14.31 6.61 4.04
N GLU B 252 14.34 6.10 2.81
CA GLU B 252 13.09 5.65 2.18
C GLU B 252 12.50 4.49 2.98
N THR B 253 13.32 3.49 3.27
CA THR B 253 12.83 2.39 4.09
C THR B 253 12.49 2.90 5.48
N LEU B 254 13.33 3.78 6.04
CA LEU B 254 13.03 4.33 7.36
C LEU B 254 11.69 5.06 7.35
N LEU B 255 11.44 5.86 6.31
CA LEU B 255 10.16 6.55 6.22
C LEU B 255 9.02 5.56 6.01
N TYR B 256 9.24 4.57 5.16
CA TYR B 256 8.27 3.51 5.03
C TYR B 256 8.14 2.76 6.35
N LYS B 257 9.25 2.36 6.96
CA LYS B 257 9.19 1.56 8.17
C LYS B 257 8.51 2.30 9.32
N ILE B 258 8.75 3.61 9.44
CA ILE B 258 7.97 4.40 10.40
C ILE B 258 6.50 4.36 10.03
N PHE B 259 6.21 4.14 8.76
CA PHE B 259 4.88 4.35 8.21
C PHE B 259 4.01 3.11 8.19
N VAL B 260 4.59 1.91 8.17
CA VAL B 260 3.77 0.73 8.34
C VAL B 260 3.32 0.62 9.79
N SER B 261 4.29 0.63 10.69
CA SER B 261 4.06 0.36 12.09
C SER B 261 3.51 1.60 12.77
N ILE B 262 2.51 2.23 12.17
CA ILE B 262 2.11 3.53 12.67
C ILE B 262 0.77 3.40 13.38
N ASP B 263 0.80 3.76 14.67
CA ASP B 263 -0.29 4.06 15.59
C ASP B 263 -0.62 2.88 16.49
N GLU B 264 -1.69 2.14 16.18
CA GLU B 264 -2.34 1.38 17.23
C GLU B 264 -2.74 2.42 18.28
N HIS B 265 -3.85 3.12 18.00
CA HIS B 265 -4.04 4.56 18.24
C HIS B 265 -3.49 5.15 19.54
N THR B 266 -2.27 5.67 19.47
CA THR B 266 -1.64 6.48 20.53
C THR B 266 -1.14 7.81 19.94
N ASN B 267 -0.42 8.57 20.75
CA ASN B 267 0.10 9.83 20.30
C ASN B 267 1.48 9.63 19.64
N VAL B 268 2.06 10.72 19.16
CA VAL B 268 3.27 10.65 18.36
C VAL B 268 4.51 10.46 19.23
N ALA B 269 4.61 11.26 20.30
CA ALA B 269 5.69 11.04 21.27
C ALA B 269 5.60 9.64 21.87
N GLU B 270 4.38 9.19 22.18
CA GLU B 270 4.16 7.79 22.50
C GLU B 270 4.73 6.90 21.40
N LEU B 271 4.45 7.23 20.14
CA LEU B 271 5.01 6.46 19.04
C LEU B 271 6.53 6.48 19.01
N ALA B 272 7.15 7.56 19.51
CA ALA B 272 8.59 7.66 19.36
C ALA B 272 9.33 6.69 20.25
N ASN B 273 8.86 6.53 21.50
CA ASN B 273 9.58 5.68 22.43
C ASN B 273 9.18 4.21 22.34
N VAL B 274 8.04 3.86 21.74
CA VAL B 274 7.75 2.44 21.58
C VAL B 274 8.57 1.87 20.44
N LEU B 275 8.67 2.60 19.33
CA LEU B 275 9.68 2.32 18.33
C LEU B 275 11.00 2.87 18.84
N GLU B 276 12.01 2.83 17.99
CA GLU B 276 13.33 3.26 18.42
C GLU B 276 13.47 4.77 18.39
N ILE B 277 12.74 5.42 17.48
CA ILE B 277 13.26 6.55 16.74
C ILE B 277 13.38 7.82 17.60
N ASP B 278 14.33 8.66 17.21
CA ASP B 278 14.37 10.05 17.67
C ASP B 278 13.00 10.69 17.56
N LEU B 279 12.61 11.40 18.62
CA LEU B 279 11.33 12.09 18.61
C LEU B 279 11.25 13.11 17.50
N SER B 280 12.24 14.00 17.41
CA SER B 280 12.19 15.00 16.36
C SER B 280 12.14 14.35 14.99
N LEU B 281 12.88 13.26 14.77
CA LEU B 281 12.80 12.64 13.45
C LEU B 281 11.41 12.09 13.20
N VAL B 282 10.73 11.58 14.24
CA VAL B 282 9.38 11.06 14.02
C VAL B 282 8.41 12.22 13.79
N LYS B 283 8.48 13.26 14.62
CA LYS B 283 7.67 14.46 14.42
C LYS B 283 7.74 14.95 12.98
N ASN B 284 8.97 15.14 12.46
CA ASN B 284 9.07 15.59 11.07
C ASN B 284 8.51 14.57 10.11
N ALA B 285 8.72 13.29 10.38
CA ALA B 285 8.18 12.26 9.49
C ALA B 285 6.66 12.33 9.45
N VAL B 286 6.04 12.57 10.61
CA VAL B 286 4.58 12.58 10.67
C VAL B 286 4.04 13.85 10.04
N SER B 287 4.63 14.99 10.38
CA SER B 287 4.34 16.22 9.66
C SER B 287 4.35 15.98 8.17
N MET B 288 5.37 15.29 7.69
CA MET B 288 5.42 15.09 6.25
C MET B 288 4.29 14.17 5.79
N TYR B 289 3.95 13.14 6.57
CA TYR B 289 2.85 12.27 6.14
C TYR B 289 1.54 13.05 6.10
N CYS B 290 1.29 13.85 7.13
CA CYS B 290 0.11 14.70 7.09
C CYS B 290 0.14 15.65 5.92
N ARG B 291 1.33 16.13 5.57
CA ARG B 291 1.40 17.11 4.52
C ARG B 291 1.10 16.47 3.19
N LEU B 292 1.62 15.28 2.95
CA LEU B 292 1.46 14.61 1.67
C LEU B 292 0.13 13.86 1.56
N GLY B 293 -0.68 13.85 2.62
CA GLY B 293 -1.92 13.10 2.63
C GLY B 293 -1.80 11.65 3.07
N PHE B 294 -0.62 11.20 3.49
CA PHE B 294 -0.51 9.83 3.97
C PHE B 294 -0.86 9.67 5.43
N ALA B 295 -1.40 10.69 6.09
CA ALA B 295 -1.72 10.52 7.50
C ALA B 295 -2.56 11.70 7.92
N HIS B 296 -3.49 11.43 8.80
CA HIS B 296 -4.53 12.37 9.14
C HIS B 296 -4.28 12.75 10.59
N LYS B 297 -3.94 14.00 10.82
CA LYS B 297 -3.78 14.46 12.17
C LYS B 297 -5.17 14.50 12.80
N LYS B 298 -5.35 13.75 13.88
CA LYS B 298 -6.62 13.76 14.60
C LYS B 298 -6.71 14.99 15.49
N GLY B 299 -7.91 15.25 16.00
CA GLY B 299 -8.16 16.29 16.99
C GLY B 299 -8.30 17.67 16.41
N GLN B 300 -8.30 17.81 15.10
CA GLN B 300 -8.27 19.13 14.53
C GLN B 300 -9.69 19.67 14.46
N VAL B 301 -9.82 20.92 14.86
CA VAL B 301 -11.11 21.56 15.02
C VAL B 301 -11.00 22.95 14.42
N ILE B 302 -11.83 23.27 13.43
CA ILE B 302 -11.88 24.63 12.93
C ILE B 302 -13.07 25.35 13.58
N ASN B 303 -12.79 26.46 14.25
CA ASN B 303 -13.81 27.29 14.89
C ASN B 303 -14.30 28.30 13.88
N LEU B 304 -15.59 28.21 13.54
CA LEU B 304 -16.11 29.01 12.44
C LEU B 304 -16.15 30.48 12.78
N ASP B 305 -16.00 30.84 14.06
CA ASP B 305 -15.87 32.24 14.43
C ASP B 305 -14.53 32.83 13.99
N GLN B 306 -13.50 32.00 13.85
CA GLN B 306 -12.20 32.51 13.42
C GLN B 306 -11.84 32.13 12.00
N LEU B 307 -12.61 31.25 11.37
CA LEU B 307 -12.30 30.85 10.02
C LEU B 307 -12.66 31.96 9.05
N HIS B 308 -11.71 32.36 8.23
CA HIS B 308 -12.00 33.30 7.16
C HIS B 308 -13.12 32.75 6.29
N SER B 309 -14.05 33.63 5.95
CA SER B 309 -15.27 33.19 5.28
C SER B 309 -15.00 32.54 3.93
N SER B 310 -13.86 32.85 3.30
CA SER B 310 -13.56 32.27 1.98
C SER B 310 -13.46 30.76 1.99
N TRP B 311 -13.23 30.15 3.14
CA TRP B 311 -13.08 28.70 3.19
C TRP B 311 -14.42 27.94 3.16
N LYS B 312 -15.53 28.49 2.67
CA LYS B 312 -16.80 27.75 2.72
C LYS B 312 -17.49 27.60 1.37
N ARG C 1 1.48 -29.03 11.95
CA ARG C 1 0.83 -27.74 11.91
C ARG C 1 0.47 -27.33 10.46
N HIS C 2 -0.49 -26.42 10.33
CA HIS C 2 -0.91 -25.83 9.04
C HIS C 2 -0.18 -24.51 8.85
N VAL C 3 0.00 -24.11 7.59
CA VAL C 3 0.53 -22.80 7.27
C VAL C 3 -0.36 -21.74 7.92
N SER C 4 0.23 -20.63 8.31
CA SER C 4 -0.51 -19.54 8.94
C SER C 4 -0.12 -18.23 8.29
N SER C 5 -1.13 -17.38 8.02
CA SER C 5 -0.87 -16.03 7.54
C SER C 5 -0.04 -15.22 8.53
N SER C 6 0.08 -15.68 9.78
CA SER C 6 0.95 -15.06 10.77
C SER C 6 2.40 -15.51 10.64
N ASP C 7 2.67 -16.57 9.88
CA ASP C 7 4.04 -17.09 9.74
C ASP C 7 4.97 -16.05 9.12
N ARG C 8 6.23 -16.07 9.57
CA ARG C 8 7.24 -15.23 8.96
C ARG C 8 7.59 -15.75 7.57
N VAL C 9 7.55 -14.86 6.58
CA VAL C 9 7.93 -15.21 5.22
C VAL C 9 9.46 -15.20 5.15
N GLY C 10 10.05 -16.37 5.00
CA GLY C 10 11.47 -16.53 4.84
C GLY C 10 11.87 -16.55 3.38
N LYS C 11 13.01 -17.18 3.09
CA LYS C 11 13.46 -17.35 1.72
C LYS C 11 12.51 -18.29 0.98
N PRO C 12 12.32 -18.07 -0.32
CA PRO C 12 11.56 -19.05 -1.10
C PRO C 12 12.45 -20.23 -1.44
N TYR C 13 11.98 -21.41 -1.08
CA TYR C 13 12.55 -22.64 -1.57
C TYR C 13 12.90 -22.53 -3.05
N ARG C 14 14.16 -22.84 -3.37
CA ARG C 14 14.63 -22.98 -4.75
C ARG C 14 14.36 -21.73 -5.57
N GLY C 15 14.45 -20.57 -4.90
CA GLY C 15 14.35 -19.29 -5.57
C GLY C 15 13.16 -19.13 -6.48
N VAL C 16 12.09 -19.90 -6.24
CA VAL C 16 10.84 -19.68 -6.96
C VAL C 16 10.33 -18.29 -6.58
N LYS C 17 9.96 -17.48 -7.59
CA LYS C 17 9.63 -16.06 -7.40
C LYS C 17 8.22 -15.92 -6.83
N PRO C 18 7.98 -14.99 -5.91
CA PRO C 18 6.67 -14.91 -5.26
C PRO C 18 5.61 -14.42 -6.23
N VAL C 19 4.37 -14.57 -5.79
CA VAL C 19 3.25 -13.85 -6.39
C VAL C 19 3.43 -12.35 -6.16
N PHE C 20 4.14 -11.98 -5.08
CA PHE C 20 4.25 -10.61 -4.62
C PHE C 20 5.71 -10.31 -4.28
N SER C 21 6.38 -9.63 -5.22
CA SER C 21 7.75 -9.13 -5.06
C SER C 21 8.70 -10.14 -4.39
N ARG D 1 4.78 34.55 -11.92
CA ARG D 1 6.04 33.82 -11.77
C ARG D 1 6.34 33.33 -10.33
N HIS D 2 6.56 32.00 -10.21
CA HIS D 2 7.12 31.43 -9.00
C HIS D 2 8.51 32.01 -8.71
N VAL D 3 8.83 32.12 -7.41
CA VAL D 3 10.16 32.56 -7.02
C VAL D 3 11.25 31.65 -7.58
N SER D 4 12.47 32.19 -7.65
CA SER D 4 13.61 31.44 -8.13
C SER D 4 14.78 31.68 -7.18
N SER D 5 15.60 30.65 -6.98
CA SER D 5 16.87 30.88 -6.29
C SER D 5 17.82 31.70 -7.17
N SER D 6 17.70 31.56 -8.49
CA SER D 6 18.42 32.37 -9.46
C SER D 6 17.92 33.81 -9.49
N ASP D 7 16.80 34.10 -8.81
CA ASP D 7 16.22 35.43 -8.77
C ASP D 7 17.19 36.47 -8.23
N ARG D 8 17.29 37.60 -8.93
CA ARG D 8 17.87 38.81 -8.36
C ARG D 8 17.22 39.09 -7.00
N VAL D 9 18.06 39.24 -5.98
CA VAL D 9 17.57 39.28 -4.60
C VAL D 9 17.49 40.75 -4.19
N GLY D 10 16.29 41.32 -4.31
CA GLY D 10 16.11 42.73 -4.05
C GLY D 10 16.23 43.07 -2.59
N LYS D 11 15.60 44.17 -2.19
CA LYS D 11 15.58 44.56 -0.79
C LYS D 11 14.34 43.97 -0.11
N PRO D 12 14.50 43.52 1.13
CA PRO D 12 13.38 42.91 1.86
C PRO D 12 12.17 43.83 2.00
N TYR D 13 11.03 43.37 1.50
CA TYR D 13 9.79 44.10 1.66
C TYR D 13 9.44 44.33 3.13
N ARG D 14 9.13 45.59 3.46
CA ARG D 14 8.86 46.05 4.83
C ARG D 14 10.02 45.71 5.77
N GLY D 15 11.22 45.67 5.20
CA GLY D 15 12.48 45.55 5.92
C GLY D 15 12.49 44.41 6.90
N VAL D 16 12.24 43.21 6.42
CA VAL D 16 12.36 42.05 7.29
C VAL D 16 13.82 41.62 7.28
N LYS D 17 14.25 40.96 8.36
CA LYS D 17 15.65 40.63 8.55
C LYS D 17 15.95 39.26 7.93
N PRO D 18 16.69 39.20 6.83
CA PRO D 18 17.07 37.90 6.25
C PRO D 18 17.62 36.87 7.23
N VAL D 19 17.55 35.61 6.81
CA VAL D 19 17.89 34.45 7.65
C VAL D 19 19.39 34.34 7.89
N PHE D 20 20.20 34.85 6.99
CA PHE D 20 21.63 34.72 7.17
C PHE D 20 22.30 36.05 7.57
#